data_8IT8
#
_entry.id   8IT8
#
_cell.length_a   82.377
_cell.length_b   85.216
_cell.length_c   102.583
_cell.angle_alpha   90.00
_cell.angle_beta   90.00
_cell.angle_gamma   90.00
#
_symmetry.space_group_name_H-M   'P 21 21 21'
#
loop_
_entity.id
_entity.type
_entity.pdbx_description
1 polymer 'Phosphoglycerate mutase 1'
2 non-polymer 'CHLORIDE ION'
3 non-polymer '2-(N-MORPHOLINO)-ETHANESULFONIC ACID'
4 non-polymer '4-(4-chlorophenyl)-2-[(4-phenylphenyl)sulfonylamino]benzoic acid'
5 water water
#
_entity_poly.entity_id   1
_entity_poly.type   'polypeptide(L)'
_entity_poly.pdbx_seq_one_letter_code
;MAAYKLVLIRHGESAWNLENRFSGWYDADLSPAGHEEAKRGGQALRDAGYEFDICFTSVQKRAIRTLWTVLDAIDQMWLP
VVRTWRLNERHYGGLTGLNKAETAAKHGEAQVKIWRRSYDVPPPPMEPDHPFYSNISKDRRYADLTEDQLPSCESLKDTI
ARALPFWNEEIVPQIKEGKRVLIAAHGNSLRGIVKHLEGLSEEAIMELNLPTGIPIVYELDKNLKPIKPMQFLGDEETVR
KAMEAVAAQGKAKKLEHHHHHH
;
_entity_poly.pdbx_strand_id   B,C
#
loop_
_chem_comp.id
_chem_comp.type
_chem_comp.name
_chem_comp.formula
CL non-polymer 'CHLORIDE ION' 'Cl -1'
MES non-polymer '2-(N-MORPHOLINO)-ETHANESULFONIC ACID' 'C6 H13 N O4 S'
Q9L non-polymer '4-(4-chlorophenyl)-2-[(4-phenylphenyl)sulfonylamino]benzoic acid' 'C25 H18 Cl N O4 S'
#
# COMPACT_ATOMS: atom_id res chain seq x y z
N ALA A 3 -27.63 -1.45 -6.84
CA ALA A 3 -27.30 -0.78 -5.58
C ALA A 3 -25.79 -0.86 -5.31
N TYR A 4 -25.13 0.30 -5.27
CA TYR A 4 -23.71 0.36 -4.96
C TYR A 4 -23.44 -0.12 -3.54
N LYS A 5 -22.31 -0.77 -3.35
CA LYS A 5 -21.87 -1.23 -2.04
C LYS A 5 -20.60 -0.46 -1.65
N LEU A 6 -20.60 0.11 -0.44
CA LEU A 6 -19.49 0.89 0.11
C LEU A 6 -19.16 0.34 1.48
N VAL A 7 -17.87 0.09 1.76
CA VAL A 7 -17.44 -0.41 3.06
C VAL A 7 -16.49 0.58 3.69
N LEU A 8 -16.75 0.90 4.96
CA LEU A 8 -15.89 1.75 5.77
C LEU A 8 -15.32 0.90 6.88
N ILE A 9 -14.09 1.20 7.31
CA ILE A 9 -13.60 0.59 8.54
C ILE A 9 -12.81 1.63 9.32
N ARG A 10 -13.10 1.72 10.62
CA ARG A 10 -12.40 2.61 11.52
C ARG A 10 -11.31 1.80 12.22
N HIS A 11 -10.08 2.32 12.26
CA HIS A 11 -9.01 1.59 12.93
C HIS A 11 -9.30 1.46 14.42
N GLY A 12 -8.64 0.49 15.04
CA GLY A 12 -8.76 0.22 16.45
C GLY A 12 -7.67 0.89 17.27
N GLU A 13 -7.30 0.23 18.37
CA GLU A 13 -6.50 0.84 19.42
C GLU A 13 -5.09 1.17 18.94
N SER A 14 -4.58 2.33 19.37
CA SER A 14 -3.23 2.77 19.04
C SER A 14 -2.33 2.63 20.27
N ALA A 15 -1.02 2.68 20.03
CA ALA A 15 -0.02 2.49 21.07
C ALA A 15 -0.17 3.53 22.19
N TRP A 16 0.27 3.13 23.39
CA TRP A 16 0.44 4.05 24.52
C TRP A 16 -0.86 4.70 24.92
N ASN A 17 -2.00 4.02 24.69
CA ASN A 17 -3.32 4.54 25.05
C ASN A 17 -3.63 5.85 24.32
N LEU A 18 -3.04 6.06 23.14
CA LEU A 18 -3.15 7.37 22.52
C LEU A 18 -4.56 7.68 22.01
N GLU A 19 -5.38 6.66 21.74
CA GLU A 19 -6.76 6.96 21.35
C GLU A 19 -7.56 7.56 22.51
N ASN A 20 -7.09 7.41 23.75
CA ASN A 20 -7.66 8.12 24.88
C ASN A 20 -6.88 9.36 25.25
N ARG A 21 -5.99 9.80 24.36
CA ARG A 21 -5.14 10.94 24.61
C ARG A 21 -5.12 11.87 23.41
N PHE A 22 -6.26 12.00 22.72
CA PHE A 22 -6.40 12.93 21.60
C PHE A 22 -5.29 12.72 20.56
N SER A 23 -5.10 11.47 20.13
CA SER A 23 -3.98 11.16 19.22
C SER A 23 -3.94 12.11 18.02
N GLY A 24 -5.10 12.41 17.43
CA GLY A 24 -5.15 13.47 16.43
C GLY A 24 -4.19 13.22 15.26
N TRP A 25 -3.40 14.24 14.91
CA TRP A 25 -2.45 14.13 13.81
C TRP A 25 -1.10 13.52 14.21
N TYR A 26 -0.93 13.15 15.47
CA TYR A 26 0.29 12.43 15.84
C TYR A 26 0.22 11.02 15.25
N ASP A 27 1.32 10.57 14.63
CA ASP A 27 1.28 9.35 13.80
C ASP A 27 1.48 8.09 14.65
N ALA A 28 0.53 7.86 15.56
CA ALA A 28 0.62 6.72 16.47
C ALA A 28 0.36 5.42 15.72
N ASP A 29 1.15 4.38 16.03
CA ASP A 29 0.92 3.07 15.43
C ASP A 29 -0.19 2.35 16.17
N LEU A 30 -0.75 1.33 15.53
CA LEU A 30 -1.65 0.42 16.21
C LEU A 30 -0.92 -0.30 17.34
N SER A 31 -1.64 -0.55 18.42
CA SER A 31 -1.17 -1.51 19.41
C SER A 31 -1.37 -2.92 18.87
N PRO A 32 -0.76 -3.93 19.49
CA PRO A 32 -1.09 -5.31 19.10
C PRO A 32 -2.58 -5.61 19.14
N ALA A 33 -3.30 -5.10 20.14
CA ALA A 33 -4.74 -5.29 20.18
C ALA A 33 -5.45 -4.62 18.99
N GLY A 34 -5.06 -3.39 18.63
CA GLY A 34 -5.69 -2.76 17.48
C GLY A 34 -5.38 -3.47 16.18
N HIS A 35 -4.18 -4.03 16.08
CA HIS A 35 -3.82 -4.88 14.94
C HIS A 35 -4.73 -6.12 14.89
N GLU A 36 -4.94 -6.77 16.04
CA GLU A 36 -5.80 -7.94 16.10
C GLU A 36 -7.24 -7.60 15.71
N GLU A 37 -7.71 -6.44 16.16
CA GLU A 37 -9.00 -5.92 15.73
C GLU A 37 -9.08 -5.84 14.21
N ALA A 38 -8.09 -5.21 13.59
CA ALA A 38 -8.08 -5.14 12.12
C ALA A 38 -8.11 -6.54 11.50
N LYS A 39 -7.37 -7.50 12.09
CA LYS A 39 -7.38 -8.87 11.55
C LYS A 39 -8.78 -9.47 11.59
N ARG A 40 -9.49 -9.30 12.71
CA ARG A 40 -10.85 -9.83 12.81
C ARG A 40 -11.78 -9.18 11.82
N GLY A 41 -11.65 -7.85 11.62
CA GLY A 41 -12.47 -7.20 10.60
C GLY A 41 -12.21 -7.74 9.20
N GLY A 42 -10.93 -7.94 8.87
CA GLY A 42 -10.63 -8.50 7.55
C GLY A 42 -11.14 -9.92 7.42
N GLN A 43 -11.06 -10.71 8.50
CA GLN A 43 -11.63 -12.06 8.49
C GLN A 43 -13.13 -12.04 8.23
N ALA A 44 -13.83 -11.09 8.85
CA ALA A 44 -15.26 -10.94 8.59
C ALA A 44 -15.52 -10.65 7.11
N LEU A 45 -14.72 -9.76 6.52
CA LEU A 45 -14.92 -9.46 5.11
C LEU A 45 -14.60 -10.66 4.24
N ARG A 46 -13.60 -11.45 4.63
CA ARG A 46 -13.23 -12.62 3.83
C ARG A 46 -14.36 -13.66 3.88
N ASP A 47 -14.88 -13.92 5.08
CA ASP A 47 -15.96 -14.88 5.26
C ASP A 47 -17.19 -14.48 4.43
N ALA A 48 -17.45 -13.18 4.32
CA ALA A 48 -18.59 -12.72 3.55
C ALA A 48 -18.28 -12.56 2.06
N GLY A 49 -17.06 -12.86 1.63
CA GLY A 49 -16.71 -12.87 0.21
C GLY A 49 -16.67 -11.52 -0.44
N TYR A 50 -16.36 -10.47 0.32
CA TYR A 50 -16.35 -9.12 -0.24
C TYR A 50 -15.19 -8.92 -1.19
N GLU A 51 -15.46 -8.24 -2.30
CA GLU A 51 -14.44 -7.89 -3.27
C GLU A 51 -14.45 -6.38 -3.46
N PHE A 52 -13.25 -5.79 -3.53
CA PHE A 52 -13.12 -4.37 -3.76
C PHE A 52 -12.34 -4.12 -5.03
N ASP A 53 -12.47 -2.90 -5.56
CA ASP A 53 -11.65 -2.48 -6.70
C ASP A 53 -10.69 -1.33 -6.41
N ILE A 54 -10.91 -0.56 -5.33
CA ILE A 54 -10.04 0.56 -5.01
C ILE A 54 -10.20 0.86 -3.52
N CYS A 55 -9.12 1.33 -2.89
CA CYS A 55 -9.14 1.58 -1.47
C CYS A 55 -8.63 2.99 -1.20
N PHE A 56 -9.24 3.64 -0.22
CA PHE A 56 -8.87 4.98 0.21
C PHE A 56 -8.51 4.94 1.69
N THR A 57 -7.45 5.67 2.05
CA THR A 57 -7.05 5.74 3.46
C THR A 57 -6.37 7.08 3.71
N SER A 58 -6.04 7.34 4.97
CA SER A 58 -5.37 8.59 5.33
C SER A 58 -3.88 8.45 5.08
N VAL A 59 -3.08 9.41 5.57
CA VAL A 59 -1.64 9.27 5.58
C VAL A 59 -1.12 8.89 6.98
N GLN A 60 -2.00 8.40 7.85
CA GLN A 60 -1.61 8.05 9.22
C GLN A 60 -1.48 6.53 9.31
N LYS A 61 -0.37 6.08 9.90
CA LYS A 61 -0.02 4.66 9.82
C LYS A 61 -1.02 3.78 10.55
N ARG A 62 -1.73 4.26 11.57
CA ARG A 62 -2.71 3.35 12.19
C ARG A 62 -3.84 2.99 11.24
N ALA A 63 -4.24 3.93 10.37
CA ALA A 63 -5.25 3.61 9.35
C ALA A 63 -4.64 2.79 8.22
N ILE A 64 -3.46 3.21 7.73
CA ILE A 64 -2.81 2.47 6.67
C ILE A 64 -2.60 1.01 7.08
N ARG A 65 -2.08 0.78 8.28
CA ARG A 65 -1.84 -0.59 8.74
C ARG A 65 -3.15 -1.36 8.89
N THR A 66 -4.23 -0.68 9.29
CA THR A 66 -5.53 -1.35 9.31
C THR A 66 -5.92 -1.83 7.91
N LEU A 67 -5.77 -0.96 6.93
CA LEU A 67 -6.06 -1.33 5.55
C LEU A 67 -5.19 -2.50 5.10
N TRP A 68 -3.88 -2.42 5.39
CA TRP A 68 -2.96 -3.49 4.99
C TRP A 68 -3.38 -4.83 5.56
N THR A 69 -3.79 -4.82 6.83
CA THR A 69 -4.22 -6.04 7.52
C THR A 69 -5.47 -6.61 6.86
N VAL A 70 -6.40 -5.73 6.50
CA VAL A 70 -7.62 -6.16 5.85
C VAL A 70 -7.33 -6.73 4.46
N LEU A 71 -6.50 -6.03 3.68
CA LEU A 71 -6.16 -6.52 2.33
C LEU A 71 -5.47 -7.87 2.40
N ASP A 72 -4.61 -8.06 3.40
CA ASP A 72 -3.96 -9.35 3.60
C ASP A 72 -4.99 -10.44 3.90
N ALA A 73 -5.91 -10.18 4.85
CA ALA A 73 -6.90 -11.19 5.22
C ALA A 73 -7.80 -11.57 4.05
N ILE A 74 -8.13 -10.63 3.16
CA ILE A 74 -9.04 -10.90 2.05
C ILE A 74 -8.29 -11.23 0.76
N ASP A 75 -6.97 -11.41 0.81
CA ASP A 75 -6.16 -11.75 -0.37
C ASP A 75 -6.36 -10.75 -1.51
N GLN A 76 -6.35 -9.47 -1.18
CA GLN A 76 -6.52 -8.42 -2.18
C GLN A 76 -5.45 -7.35 -2.00
N MET A 77 -4.23 -7.80 -1.69
CA MET A 77 -3.10 -6.89 -1.58
C MET A 77 -2.74 -6.21 -2.88
N TRP A 78 -3.24 -6.73 -4.01
CA TRP A 78 -2.96 -6.14 -5.32
C TRP A 78 -3.82 -4.92 -5.64
N LEU A 79 -4.80 -4.59 -4.81
CA LEU A 79 -5.71 -3.50 -5.14
C LEU A 79 -5.02 -2.15 -5.14
N PRO A 80 -5.47 -1.22 -5.98
CA PRO A 80 -4.94 0.14 -5.92
C PRO A 80 -5.36 0.80 -4.61
N VAL A 81 -4.41 1.53 -4.01
CA VAL A 81 -4.61 2.21 -2.73
C VAL A 81 -4.31 3.70 -2.95
N VAL A 82 -5.21 4.57 -2.48
CA VAL A 82 -5.01 6.02 -2.53
C VAL A 82 -5.01 6.55 -1.10
N ARG A 83 -3.97 7.29 -0.74
CA ARG A 83 -3.80 7.88 0.59
C ARG A 83 -4.00 9.38 0.51
N THR A 84 -4.62 9.98 1.53
CA THR A 84 -4.81 11.42 1.53
C THR A 84 -4.87 11.96 2.95
N TRP A 85 -4.16 13.07 3.19
CA TRP A 85 -4.28 13.78 4.46
C TRP A 85 -5.71 14.21 4.74
N ARG A 86 -6.55 14.33 3.70
CA ARG A 86 -7.93 14.77 3.92
C ARG A 86 -8.77 13.74 4.67
N LEU A 87 -8.31 12.50 4.79
CA LEU A 87 -9.00 11.51 5.61
C LEU A 87 -8.36 11.36 6.99
N ASN A 88 -7.40 12.21 7.32
CA ASN A 88 -6.77 12.16 8.63
C ASN A 88 -7.81 12.36 9.73
N GLU A 89 -7.48 11.84 10.91
CA GLU A 89 -8.17 12.12 12.16
C GLU A 89 -8.26 13.63 12.39
N ARG A 90 -9.24 14.05 13.16
CA ARG A 90 -9.33 15.44 13.59
C ARG A 90 -8.03 15.87 14.27
N HIS A 91 -7.57 17.09 13.97
CA HIS A 91 -6.37 17.67 14.60
C HIS A 91 -6.80 18.31 15.92
N TYR A 92 -6.34 17.75 17.05
CA TYR A 92 -6.81 18.20 18.36
C TYR A 92 -5.96 19.32 18.94
N GLY A 93 -5.08 19.92 18.14
CA GLY A 93 -4.37 21.12 18.57
C GLY A 93 -3.52 20.88 19.80
N GLY A 94 -3.55 21.84 20.72
CA GLY A 94 -2.75 21.74 21.92
C GLY A 94 -3.11 20.58 22.82
N LEU A 95 -4.30 20.00 22.66
CA LEU A 95 -4.72 18.86 23.48
C LEU A 95 -4.06 17.55 23.07
N THR A 96 -3.50 17.50 21.86
CA THR A 96 -2.93 16.26 21.32
C THR A 96 -1.94 15.65 22.30
N GLY A 97 -2.14 14.36 22.61
CA GLY A 97 -1.27 13.65 23.51
C GLY A 97 -1.65 13.72 24.99
N LEU A 98 -2.53 14.64 25.40
CA LEU A 98 -2.91 14.73 26.80
C LEU A 98 -4.05 13.75 27.14
N ASN A 99 -3.98 13.17 28.33
CA ASN A 99 -5.10 12.37 28.81
C ASN A 99 -6.19 13.27 29.41
N LYS A 100 -7.31 12.65 29.78
CA LYS A 100 -8.48 13.38 30.26
C LYS A 100 -8.15 14.25 31.46
N ALA A 101 -7.47 13.68 32.46
CA ALA A 101 -7.15 14.42 33.67
C ALA A 101 -6.24 15.61 33.35
N GLU A 102 -5.23 15.41 32.49
CA GLU A 102 -4.31 16.50 32.16
C GLU A 102 -5.02 17.60 31.41
N THR A 103 -5.97 17.23 30.55
CA THR A 103 -6.72 18.22 29.80
C THR A 103 -7.56 19.07 30.75
N ALA A 104 -8.25 18.42 31.68
CA ALA A 104 -9.08 19.14 32.65
C ALA A 104 -8.22 20.00 33.58
N ALA A 105 -7.04 19.51 33.98
CA ALA A 105 -6.17 20.30 34.84
C ALA A 105 -5.65 21.53 34.12
N LYS A 106 -5.35 21.41 32.83
CA LYS A 106 -4.78 22.53 32.09
C LYS A 106 -5.83 23.58 31.76
N HIS A 107 -7.04 23.15 31.44
CA HIS A 107 -8.01 24.09 30.87
C HIS A 107 -9.28 24.25 31.69
N GLY A 108 -9.52 23.40 32.67
CA GLY A 108 -10.74 23.52 33.49
C GLY A 108 -11.89 22.74 32.90
N GLU A 109 -12.75 22.26 33.80
CA GLU A 109 -13.83 21.39 33.37
C GLU A 109 -14.86 22.14 32.52
N ALA A 110 -15.10 23.42 32.81
CA ALA A 110 -16.07 24.20 32.05
C ALA A 110 -15.69 24.27 30.57
N GLN A 111 -14.46 24.67 30.28
CA GLN A 111 -14.02 24.80 28.89
C GLN A 111 -13.97 23.44 28.20
N VAL A 112 -13.52 22.41 28.90
CA VAL A 112 -13.50 21.07 28.30
C VAL A 112 -14.90 20.63 27.91
N LYS A 113 -15.90 20.89 28.77
CA LYS A 113 -17.27 20.54 28.41
C LYS A 113 -17.72 21.33 27.18
N ILE A 114 -17.33 22.60 27.09
CA ILE A 114 -17.71 23.37 25.91
C ILE A 114 -17.08 22.78 24.66
N TRP A 115 -15.80 22.40 24.72
CA TRP A 115 -15.15 21.83 23.53
C TRP A 115 -15.79 20.50 23.15
N ARG A 116 -16.04 19.65 24.15
CA ARG A 116 -16.67 18.35 23.92
C ARG A 116 -18.01 18.49 23.22
N ARG A 117 -18.79 19.52 23.59
CA ARG A 117 -20.16 19.61 23.08
C ARG A 117 -20.29 20.47 21.82
N SER A 118 -19.21 21.11 21.36
CA SER A 118 -19.31 22.11 20.32
C SER A 118 -18.90 21.56 18.95
N TYR A 119 -19.69 21.89 17.93
CA TYR A 119 -19.40 21.48 16.56
C TYR A 119 -18.38 22.39 15.90
N ASP A 120 -18.31 23.65 16.34
CA ASP A 120 -17.59 24.65 15.59
C ASP A 120 -16.53 25.38 16.42
N VAL A 121 -16.28 24.98 17.65
CA VAL A 121 -15.24 25.60 18.46
C VAL A 121 -14.02 24.68 18.44
N PRO A 122 -12.87 25.12 17.94
CA PRO A 122 -11.67 24.29 17.95
C PRO A 122 -11.01 24.30 19.31
N PRO A 123 -10.17 23.32 19.60
CA PRO A 123 -9.28 23.41 20.76
C PRO A 123 -8.24 24.48 20.52
N PRO A 124 -7.42 24.81 21.52
CA PRO A 124 -6.35 25.77 21.30
C PRO A 124 -5.36 25.23 20.29
N PRO A 125 -4.61 26.09 19.62
CA PRO A 125 -3.71 25.61 18.59
C PRO A 125 -2.50 24.90 19.19
N MET A 126 -1.94 23.99 18.40
CA MET A 126 -0.67 23.41 18.79
C MET A 126 0.44 24.44 18.57
N GLU A 127 1.09 24.85 19.64
CA GLU A 127 2.10 25.91 19.63
C GLU A 127 3.50 25.31 19.60
N PRO A 128 4.52 26.13 19.31
CA PRO A 128 5.89 25.58 19.23
C PRO A 128 6.38 24.92 20.49
N ASP A 129 5.80 25.20 21.66
CA ASP A 129 6.23 24.50 22.85
C ASP A 129 5.62 23.10 23.00
N HIS A 130 4.63 22.75 22.19
CA HIS A 130 4.04 21.42 22.28
C HIS A 130 5.06 20.37 21.84
N PRO A 131 5.16 19.23 22.54
CA PRO A 131 6.15 18.22 22.13
C PRO A 131 5.93 17.63 20.74
N PHE A 132 4.73 17.77 20.16
CA PHE A 132 4.47 17.25 18.83
C PHE A 132 4.59 18.33 17.75
N TYR A 133 4.89 19.58 18.13
CA TYR A 133 4.73 20.69 17.19
C TYR A 133 5.56 20.48 15.91
N SER A 134 6.87 20.28 16.05
CA SER A 134 7.69 20.12 14.85
C SER A 134 7.51 18.74 14.23
N ASN A 135 7.31 17.72 15.07
CA ASN A 135 7.00 16.37 14.62
C ASN A 135 5.85 16.34 13.62
N ILE A 136 4.78 17.07 13.90
CA ILE A 136 3.64 17.09 12.98
C ILE A 136 3.78 18.18 11.92
N SER A 137 4.04 19.42 12.33
CA SER A 137 3.88 20.52 11.38
C SER A 137 4.98 20.55 10.34
N LYS A 138 6.17 20.02 10.65
CA LYS A 138 7.25 19.95 9.69
C LYS A 138 7.39 18.58 9.06
N ASP A 139 6.42 17.69 9.29
CA ASP A 139 6.49 16.35 8.70
C ASP A 139 6.41 16.47 7.18
N ARG A 140 7.31 15.73 6.51
CA ARG A 140 7.47 15.78 5.06
C ARG A 140 6.18 15.44 4.31
N ARG A 141 5.34 14.59 4.91
CA ARG A 141 4.12 14.22 4.21
C ARG A 141 3.17 15.39 4.04
N TYR A 142 3.32 16.47 4.80
CA TYR A 142 2.45 17.65 4.65
C TYR A 142 3.14 18.79 3.91
N ALA A 143 4.29 18.55 3.29
CA ALA A 143 5.09 19.66 2.75
C ALA A 143 4.38 20.37 1.59
N ASP A 144 3.49 19.68 0.87
CA ASP A 144 2.77 20.32 -0.23
C ASP A 144 1.54 21.10 0.24
N LEU A 145 1.16 21.00 1.51
CA LEU A 145 -0.02 21.71 1.98
C LEU A 145 0.26 23.20 2.08
N THR A 146 -0.67 24.00 1.60
CA THR A 146 -0.56 25.44 1.75
C THR A 146 -0.74 25.85 3.21
N GLU A 147 -0.28 27.07 3.52
CA GLU A 147 -0.35 27.61 4.88
CA GLU A 147 -0.34 27.54 4.90
C GLU A 147 -1.76 27.50 5.44
N ASP A 148 -2.77 27.72 4.60
CA ASP A 148 -4.15 27.66 5.06
C ASP A 148 -4.68 26.24 5.21
N GLN A 149 -4.03 25.26 4.58
CA GLN A 149 -4.52 23.88 4.63
C GLN A 149 -4.00 23.10 5.82
N LEU A 150 -2.77 23.36 6.25
CA LEU A 150 -2.19 22.62 7.36
C LEU A 150 -2.73 23.15 8.68
N PRO A 151 -3.55 22.39 9.40
CA PRO A 151 -4.17 22.91 10.63
C PRO A 151 -3.20 22.96 11.79
N SER A 152 -3.41 23.94 12.68
CA SER A 152 -2.83 23.88 14.01
C SER A 152 -3.81 23.31 15.03
N CYS A 153 -5.07 23.17 14.63
CA CYS A 153 -6.19 22.69 15.42
C CYS A 153 -7.39 22.64 14.49
N GLU A 154 -8.41 21.87 14.89
CA GLU A 154 -9.61 21.72 14.08
C GLU A 154 -10.83 21.56 14.98
N SER A 155 -11.89 22.29 14.67
CA SER A 155 -13.21 21.89 15.15
C SER A 155 -13.66 20.67 14.36
N LEU A 156 -14.69 19.98 14.86
CA LEU A 156 -15.26 18.90 14.06
C LEU A 156 -15.73 19.42 12.70
N LYS A 157 -16.33 20.63 12.70
CA LYS A 157 -16.73 21.27 11.45
C LYS A 157 -15.56 21.40 10.49
N ASP A 158 -14.38 21.80 11.00
CA ASP A 158 -13.18 21.92 10.16
C ASP A 158 -12.80 20.57 9.55
N THR A 159 -12.77 19.53 10.37
CA THR A 159 -12.39 18.19 9.90
C THR A 159 -13.30 17.73 8.78
N ILE A 160 -14.61 17.85 9.00
CA ILE A 160 -15.56 17.45 7.98
C ILE A 160 -15.41 18.31 6.72
N ALA A 161 -15.14 19.61 6.90
CA ALA A 161 -14.98 20.50 5.75
C ALA A 161 -13.79 20.11 4.89
N ARG A 162 -12.71 19.61 5.48
CA ARG A 162 -11.64 19.22 4.56
C ARG A 162 -11.71 17.75 4.14
N ALA A 163 -12.52 16.92 4.79
CA ALA A 163 -12.70 15.57 4.27
C ALA A 163 -13.63 15.55 3.06
N LEU A 164 -14.69 16.35 3.09
CA LEU A 164 -15.72 16.17 2.08
C LEU A 164 -15.28 16.53 0.65
N PRO A 165 -14.38 17.50 0.44
CA PRO A 165 -13.87 17.70 -0.94
C PRO A 165 -13.20 16.47 -1.52
N PHE A 166 -12.50 15.68 -0.69
CA PHE A 166 -11.90 14.46 -1.23
C PHE A 166 -12.99 13.46 -1.58
N TRP A 167 -13.98 13.28 -0.70
CA TRP A 167 -15.10 12.41 -1.01
C TRP A 167 -15.74 12.78 -2.35
N ASN A 168 -16.10 14.06 -2.50
CA ASN A 168 -16.80 14.53 -3.70
C ASN A 168 -15.95 14.36 -4.96
N GLU A 169 -14.67 14.77 -4.90
CA GLU A 169 -13.85 14.83 -6.10
C GLU A 169 -13.18 13.51 -6.44
N GLU A 170 -12.86 12.68 -5.46
CA GLU A 170 -12.11 11.47 -5.74
C GLU A 170 -12.89 10.20 -5.51
N ILE A 171 -13.74 10.13 -4.48
CA ILE A 171 -14.36 8.86 -4.14
C ILE A 171 -15.66 8.66 -4.89
N VAL A 172 -16.50 9.71 -4.90
CA VAL A 172 -17.79 9.64 -5.57
C VAL A 172 -17.66 9.18 -7.03
N PRO A 173 -16.77 9.73 -7.85
CA PRO A 173 -16.69 9.26 -9.24
C PRO A 173 -16.34 7.79 -9.36
N GLN A 174 -15.50 7.26 -8.46
CA GLN A 174 -15.25 5.83 -8.44
C GLN A 174 -16.53 5.06 -8.16
N ILE A 175 -17.27 5.47 -7.13
CA ILE A 175 -18.52 4.79 -6.81
C ILE A 175 -19.48 4.83 -8.02
N LYS A 176 -19.51 5.96 -8.72
CA LYS A 176 -20.45 6.11 -9.84
C LYS A 176 -19.99 5.34 -11.08
N GLU A 177 -18.70 4.98 -11.16
CA GLU A 177 -18.26 4.05 -12.19
C GLU A 177 -18.51 2.58 -11.83
N GLY A 178 -19.09 2.30 -10.67
CA GLY A 178 -19.31 0.93 -10.25
C GLY A 178 -18.16 0.28 -9.53
N LYS A 179 -17.06 1.00 -9.29
CA LYS A 179 -15.95 0.45 -8.53
C LYS A 179 -16.38 0.23 -7.08
N ARG A 180 -16.04 -0.95 -6.54
CA ARG A 180 -16.38 -1.24 -5.17
C ARG A 180 -15.30 -0.66 -4.26
N VAL A 181 -15.69 0.32 -3.43
CA VAL A 181 -14.76 1.14 -2.65
C VAL A 181 -14.67 0.62 -1.23
N LEU A 182 -13.43 0.54 -0.71
CA LEU A 182 -13.16 0.35 0.71
C LEU A 182 -12.45 1.58 1.24
N ILE A 183 -12.91 2.09 2.39
CA ILE A 183 -12.30 3.25 3.04
C ILE A 183 -11.86 2.84 4.45
N ALA A 184 -10.57 2.94 4.73
CA ALA A 184 -10.04 2.71 6.07
C ALA A 184 -9.57 4.05 6.60
N ALA A 185 -10.24 4.55 7.65
CA ALA A 185 -9.85 5.86 8.16
C ALA A 185 -10.15 5.96 9.64
N HIS A 186 -10.54 7.13 10.10
CA HIS A 186 -10.54 7.48 11.51
C HIS A 186 -11.95 7.91 11.93
N GLY A 187 -12.18 7.95 13.24
CA GLY A 187 -13.51 8.27 13.75
C GLY A 187 -14.11 9.54 13.14
N ASN A 188 -13.38 10.65 13.19
CA ASN A 188 -13.96 11.93 12.78
C ASN A 188 -13.96 12.15 11.26
N SER A 189 -13.00 11.60 10.52
CA SER A 189 -13.14 11.73 9.06
C SER A 189 -14.28 10.84 8.55
N LEU A 190 -14.45 9.66 9.15
CA LEU A 190 -15.57 8.80 8.76
C LEU A 190 -16.90 9.43 9.17
N ARG A 191 -16.92 10.13 10.31
CA ARG A 191 -18.09 10.95 10.65
C ARG A 191 -18.44 11.92 9.53
N GLY A 192 -17.43 12.59 8.97
CA GLY A 192 -17.72 13.49 7.85
C GLY A 192 -18.44 12.79 6.71
N ILE A 193 -17.95 11.60 6.35
CA ILE A 193 -18.58 10.83 5.27
C ILE A 193 -20.01 10.42 5.65
N VAL A 194 -20.20 9.92 6.86
CA VAL A 194 -21.49 9.42 7.27
C VAL A 194 -22.51 10.56 7.35
N LYS A 195 -22.07 11.72 7.83
CA LYS A 195 -22.95 12.88 7.91
C LYS A 195 -23.39 13.33 6.52
N HIS A 196 -22.46 13.30 5.55
CA HIS A 196 -22.88 13.64 4.19
C HIS A 196 -23.82 12.60 3.62
N LEU A 197 -23.54 11.31 3.86
CA LEU A 197 -24.37 10.23 3.30
C LEU A 197 -25.79 10.31 3.82
N GLU A 198 -25.94 10.37 5.15
CA GLU A 198 -27.24 10.27 5.81
C GLU A 198 -27.90 11.61 6.09
N GLY A 199 -27.27 12.72 5.69
CA GLY A 199 -27.83 14.04 5.95
C GLY A 199 -28.06 14.33 7.41
N LEU A 200 -27.13 13.95 8.28
CA LEU A 200 -27.34 14.10 9.70
C LEU A 200 -27.15 15.55 10.13
N SER A 201 -27.77 15.89 11.25
CA SER A 201 -27.55 17.19 11.88
C SER A 201 -26.22 17.20 12.63
N GLU A 202 -25.76 18.40 12.97
CA GLU A 202 -24.53 18.55 13.75
C GLU A 202 -24.63 17.81 15.08
N GLU A 203 -25.76 17.93 15.76
CA GLU A 203 -25.92 17.26 17.05
C GLU A 203 -25.94 15.74 16.87
N ALA A 204 -26.61 15.27 15.81
CA ALA A 204 -26.66 13.83 15.54
C ALA A 204 -25.25 13.29 15.25
N ILE A 205 -24.50 13.95 14.37
CA ILE A 205 -23.17 13.43 14.02
C ILE A 205 -22.29 13.47 15.26
N MET A 206 -22.55 14.40 16.16
CA MET A 206 -21.69 14.57 17.30
C MET A 206 -21.98 13.49 18.34
N GLU A 207 -23.16 12.89 18.31
CA GLU A 207 -23.39 11.71 19.15
C GLU A 207 -23.08 10.37 18.47
N LEU A 208 -22.79 10.35 17.17
CA LEU A 208 -22.52 9.08 16.49
C LEU A 208 -21.09 8.64 16.78
N ASN A 209 -20.92 7.46 17.39
CA ASN A 209 -19.60 6.90 17.70
C ASN A 209 -19.44 5.59 16.92
N LEU A 210 -18.80 5.65 15.77
CA LEU A 210 -18.65 4.45 14.95
C LEU A 210 -17.77 3.42 15.66
N PRO A 211 -18.14 2.14 15.64
CA PRO A 211 -17.32 1.12 16.28
C PRO A 211 -16.03 0.90 15.50
N THR A 212 -15.02 0.34 16.17
CA THR A 212 -13.70 0.16 15.60
C THR A 212 -13.52 -1.27 15.10
N GLY A 213 -12.71 -1.42 14.06
CA GLY A 213 -12.33 -2.74 13.59
C GLY A 213 -13.43 -3.56 12.98
N ILE A 214 -14.59 -2.97 12.69
CA ILE A 214 -15.75 -3.69 12.21
C ILE A 214 -16.10 -3.13 10.83
N PRO A 215 -16.23 -3.96 9.80
CA PRO A 215 -16.68 -3.45 8.51
C PRO A 215 -18.06 -2.83 8.63
N ILE A 216 -18.22 -1.65 8.06
CA ILE A 216 -19.45 -0.89 8.07
C ILE A 216 -19.92 -0.80 6.63
N VAL A 217 -21.09 -1.37 6.34
CA VAL A 217 -21.55 -1.57 4.96
C VAL A 217 -22.71 -0.63 4.65
N TYR A 218 -22.58 0.11 3.55
CA TYR A 218 -23.63 0.97 3.02
C TYR A 218 -24.07 0.44 1.67
N GLU A 219 -25.37 0.45 1.41
CA GLU A 219 -25.89 0.22 0.07
C GLU A 219 -26.55 1.50 -0.40
N LEU A 220 -26.03 2.05 -1.49
CA LEU A 220 -26.40 3.36 -2.01
C LEU A 220 -27.17 3.21 -3.32
N ASP A 221 -28.15 4.09 -3.53
CA ASP A 221 -28.87 4.11 -4.79
C ASP A 221 -28.07 4.90 -5.82
N LYS A 222 -28.67 5.16 -6.99
CA LYS A 222 -27.92 5.81 -8.07
C LYS A 222 -27.57 7.26 -7.76
N ASN A 223 -28.18 7.86 -6.74
CA ASN A 223 -27.78 9.19 -6.28
C ASN A 223 -26.92 9.12 -5.02
N LEU A 224 -26.42 7.93 -4.67
CA LEU A 224 -25.51 7.72 -3.54
C LEU A 224 -26.21 8.02 -2.21
N LYS A 225 -27.54 7.82 -2.18
CA LYS A 225 -28.30 7.84 -0.94
C LYS A 225 -28.38 6.45 -0.35
N PRO A 226 -28.11 6.26 0.94
CA PRO A 226 -28.32 4.95 1.55
C PRO A 226 -29.77 4.50 1.34
N ILE A 227 -29.95 3.26 0.89
CA ILE A 227 -31.28 2.67 0.82
C ILE A 227 -31.72 2.04 2.13
N LYS A 228 -30.81 1.84 3.07
CA LYS A 228 -31.14 1.23 4.35
C LYS A 228 -30.12 1.72 5.36
N PRO A 229 -30.31 1.40 6.65
CA PRO A 229 -29.29 1.74 7.65
C PRO A 229 -27.99 0.98 7.44
N MET A 230 -26.90 1.63 7.84
CA MET A 230 -25.58 1.01 7.89
C MET A 230 -25.63 -0.30 8.68
N GLN A 231 -24.95 -1.33 8.16
CA GLN A 231 -24.84 -2.60 8.89
C GLN A 231 -23.39 -2.98 9.11
N PHE A 232 -23.18 -3.84 10.09
CA PHE A 232 -21.86 -4.28 10.54
C PHE A 232 -21.67 -5.76 10.24
N LEU A 233 -20.51 -6.11 9.70
CA LEU A 233 -20.17 -7.51 9.43
C LEU A 233 -19.40 -8.11 10.61
N GLY A 234 -19.69 -9.37 10.88
CA GLY A 234 -18.99 -10.09 11.94
C GLY A 234 -19.87 -11.22 12.46
N ASP A 235 -19.35 -11.91 13.49
CA ASP A 235 -20.20 -12.89 14.17
C ASP A 235 -21.29 -12.19 14.96
N GLU A 236 -22.26 -12.97 15.44
CA GLU A 236 -23.48 -12.39 15.98
C GLU A 236 -23.22 -11.53 17.22
N GLU A 237 -22.33 -11.99 18.10
CA GLU A 237 -22.10 -11.28 19.36
C GLU A 237 -21.41 -9.94 19.13
N THR A 238 -20.34 -9.94 18.32
CA THR A 238 -19.68 -8.68 17.97
C THR A 238 -20.62 -7.77 17.19
N VAL A 239 -21.51 -8.33 16.38
CA VAL A 239 -22.57 -7.56 15.73
C VAL A 239 -23.73 -7.33 16.70
N ALA B 2 24.94 13.12 -8.15
CA ALA B 2 24.20 13.05 -9.41
C ALA B 2 22.86 13.72 -9.28
N ALA B 3 22.21 13.97 -10.41
CA ALA B 3 20.93 14.66 -10.39
C ALA B 3 19.87 13.83 -9.66
N TYR B 4 19.89 12.51 -9.87
CA TYR B 4 18.78 11.64 -9.46
C TYR B 4 19.29 10.37 -8.79
N LYS B 5 18.42 9.77 -7.98
CA LYS B 5 18.75 8.58 -7.22
C LYS B 5 17.59 7.60 -7.34
N LEU B 6 17.88 6.35 -7.70
CA LEU B 6 16.86 5.33 -7.89
C LEU B 6 17.21 4.10 -7.06
N VAL B 7 16.21 3.50 -6.39
CA VAL B 7 16.44 2.32 -5.57
C VAL B 7 15.54 1.19 -6.03
N LEU B 8 16.13 0.02 -6.26
CA LEU B 8 15.44 -1.20 -6.62
C LEU B 8 15.56 -2.19 -5.47
N ILE B 9 14.58 -3.06 -5.33
CA ILE B 9 14.72 -4.16 -4.39
C ILE B 9 13.98 -5.36 -4.95
N ARG B 10 14.70 -6.49 -5.00
CA ARG B 10 14.14 -7.75 -5.44
C ARG B 10 13.66 -8.51 -4.21
N HIS B 11 12.44 -9.06 -4.28
CA HIS B 11 11.90 -9.75 -3.13
C HIS B 11 12.72 -11.01 -2.84
N GLY B 12 12.66 -11.46 -1.59
CA GLY B 12 13.37 -12.65 -1.16
C GLY B 12 12.59 -13.93 -1.36
N GLU B 13 12.94 -14.93 -0.56
CA GLU B 13 12.42 -16.29 -0.71
C GLU B 13 10.90 -16.33 -0.58
N SER B 14 10.25 -17.08 -1.47
CA SER B 14 8.81 -17.30 -1.47
C SER B 14 8.50 -18.73 -1.02
N ALA B 15 7.22 -18.95 -0.68
CA ALA B 15 6.74 -20.28 -0.32
C ALA B 15 7.09 -21.33 -1.37
N TRP B 16 7.02 -20.97 -2.66
CA TRP B 16 7.28 -21.99 -3.66
C TRP B 16 8.76 -22.18 -3.96
N ASN B 17 9.60 -21.18 -3.66
CA ASN B 17 11.05 -21.40 -3.69
C ASN B 17 11.41 -22.58 -2.80
N LEU B 18 10.77 -22.68 -1.63
CA LEU B 18 11.01 -23.81 -0.73
C LEU B 18 10.61 -25.14 -1.36
N GLU B 19 9.65 -25.13 -2.29
CA GLU B 19 9.23 -26.34 -2.99
C GLU B 19 9.93 -26.51 -4.34
N ASN B 20 10.94 -25.68 -4.63
CA ASN B 20 11.56 -25.52 -5.95
C ASN B 20 10.55 -25.65 -7.10
N ARG B 21 9.40 -24.97 -6.95
CA ARG B 21 8.36 -24.92 -7.97
C ARG B 21 8.44 -23.60 -8.71
N PHE B 22 8.20 -23.63 -10.03
CA PHE B 22 8.12 -22.39 -10.81
C PHE B 22 6.89 -21.59 -10.37
N SER B 23 7.10 -20.36 -9.88
CA SER B 23 5.97 -19.49 -9.54
C SER B 23 5.47 -18.69 -10.74
N GLY B 24 6.31 -17.82 -11.29
CA GLY B 24 5.87 -16.98 -12.38
C GLY B 24 4.76 -16.07 -11.90
N TRP B 25 3.64 -16.06 -12.63
CA TRP B 25 2.50 -15.25 -12.24
C TRP B 25 1.69 -15.85 -11.08
N TYR B 26 1.97 -17.09 -10.69
CA TYR B 26 1.33 -17.59 -9.47
C TYR B 26 1.71 -16.71 -8.28
N ASP B 27 0.71 -16.36 -7.46
CA ASP B 27 0.87 -15.31 -6.44
C ASP B 27 1.34 -15.89 -5.09
N ALA B 28 2.50 -16.56 -5.12
CA ALA B 28 3.06 -17.15 -3.90
C ALA B 28 3.49 -16.06 -2.91
N ASP B 29 3.23 -16.30 -1.63
CA ASP B 29 3.65 -15.35 -0.60
C ASP B 29 5.12 -15.53 -0.24
N LEU B 30 5.68 -14.51 0.43
CA LEU B 30 7.00 -14.63 1.04
C LEU B 30 7.01 -15.77 2.06
N SER B 31 8.12 -16.47 2.13
CA SER B 31 8.38 -17.36 3.26
C SER B 31 8.77 -16.50 4.44
N PRO B 32 8.76 -17.05 5.67
CA PRO B 32 9.24 -16.25 6.80
C PRO B 32 10.65 -15.70 6.60
N ALA B 33 11.52 -16.49 5.99
CA ALA B 33 12.88 -16.02 5.72
C ALA B 33 12.90 -14.89 4.69
N GLY B 34 12.06 -14.97 3.65
CA GLY B 34 12.00 -13.88 2.69
C GLY B 34 11.45 -12.60 3.30
N HIS B 35 10.54 -12.75 4.26
CA HIS B 35 10.05 -11.59 5.00
C HIS B 35 11.16 -10.97 5.85
N GLU B 36 11.96 -11.80 6.52
CA GLU B 36 13.09 -11.29 7.28
C GLU B 36 14.10 -10.59 6.38
N GLU B 37 14.32 -11.13 5.18
CA GLU B 37 15.21 -10.48 4.21
C GLU B 37 14.72 -9.07 3.92
N ALA B 38 13.40 -8.93 3.65
CA ALA B 38 12.85 -7.60 3.39
C ALA B 38 13.04 -6.67 4.59
N LYS B 39 12.88 -7.19 5.80
CA LYS B 39 13.08 -6.36 7.00
C LYS B 39 14.54 -5.88 7.11
N ARG B 40 15.50 -6.75 6.77
CA ARG B 40 16.90 -6.31 6.80
C ARG B 40 17.20 -5.29 5.71
N GLY B 41 16.64 -5.47 4.51
CA GLY B 41 16.81 -4.45 3.49
C GLY B 41 16.23 -3.11 3.90
N GLY B 42 15.05 -3.14 4.53
CA GLY B 42 14.44 -1.90 5.00
C GLY B 42 15.24 -1.26 6.11
N GLN B 43 15.83 -2.07 6.98
CA GLN B 43 16.69 -1.51 8.02
C GLN B 43 17.93 -0.86 7.41
N ALA B 44 18.48 -1.47 6.36
CA ALA B 44 19.61 -0.85 5.66
C ALA B 44 19.21 0.51 5.09
N LEU B 45 18.04 0.58 4.46
CA LEU B 45 17.58 1.88 3.95
C LEU B 45 17.38 2.88 5.09
N ARG B 46 16.84 2.43 6.23
CA ARG B 46 16.62 3.32 7.36
C ARG B 46 17.94 3.85 7.93
N ASP B 47 18.92 2.96 8.11
CA ASP B 47 20.21 3.38 8.64
C ASP B 47 20.91 4.38 7.73
N ALA B 48 20.71 4.27 6.43
CA ALA B 48 21.31 5.23 5.50
C ALA B 48 20.44 6.48 5.30
N GLY B 49 19.33 6.61 6.01
CA GLY B 49 18.52 7.80 5.93
C GLY B 49 17.84 8.04 4.58
N TYR B 50 17.49 6.98 3.87
CA TYR B 50 16.90 7.15 2.55
C TYR B 50 15.47 7.66 2.66
N GLU B 51 15.09 8.52 1.72
CA GLU B 51 13.75 9.08 1.63
C GLU B 51 13.24 8.89 0.21
N PHE B 52 11.97 8.47 0.09
CA PHE B 52 11.36 8.31 -1.21
C PHE B 52 10.15 9.23 -1.32
N ASP B 53 9.70 9.44 -2.55
CA ASP B 53 8.49 10.19 -2.84
C ASP B 53 7.40 9.38 -3.49
N ILE B 54 7.72 8.25 -4.15
CA ILE B 54 6.71 7.39 -4.74
C ILE B 54 7.30 5.99 -4.90
N CYS B 55 6.44 4.97 -4.82
CA CYS B 55 6.86 3.58 -4.92
C CYS B 55 6.10 2.86 -6.03
N PHE B 56 6.78 1.95 -6.73
CA PHE B 56 6.16 1.11 -7.75
C PHE B 56 6.39 -0.34 -7.38
N THR B 57 5.40 -1.18 -7.63
CA THR B 57 5.55 -2.62 -7.41
C THR B 57 4.64 -3.36 -8.39
N SER B 58 4.64 -4.70 -8.31
CA SER B 58 3.84 -5.51 -9.21
C SER B 58 2.45 -5.70 -8.60
N VAL B 59 1.67 -6.63 -9.15
CA VAL B 59 0.43 -7.03 -8.49
C VAL B 59 0.60 -8.38 -7.77
N GLN B 60 1.83 -8.76 -7.47
CA GLN B 60 2.10 -10.01 -6.77
C GLN B 60 2.50 -9.75 -5.33
N LYS B 61 1.88 -10.50 -4.41
CA LYS B 61 2.05 -10.20 -3.00
C LYS B 61 3.48 -10.42 -2.49
N ARG B 62 4.31 -11.27 -3.10
CA ARG B 62 5.68 -11.38 -2.56
C ARG B 62 6.47 -10.07 -2.75
N ALA B 63 6.22 -9.36 -3.86
CA ALA B 63 6.80 -8.02 -4.05
C ALA B 63 6.08 -6.96 -3.21
N ILE B 64 4.75 -7.01 -3.18
CA ILE B 64 4.00 -6.00 -2.42
C ILE B 64 4.36 -6.09 -0.94
N ARG B 65 4.42 -7.30 -0.39
CA ARG B 65 4.80 -7.45 1.01
C ARG B 65 6.24 -7.04 1.25
N THR B 66 7.13 -7.27 0.28
CA THR B 66 8.47 -6.69 0.43
C THR B 66 8.41 -5.17 0.55
N LEU B 67 7.65 -4.52 -0.33
CA LEU B 67 7.52 -3.06 -0.28
C LEU B 67 6.95 -2.61 1.06
N TRP B 68 5.88 -3.27 1.53
CA TRP B 68 5.26 -2.90 2.80
C TRP B 68 6.26 -2.99 3.95
N THR B 69 7.01 -4.09 3.97
CA THR B 69 8.01 -4.27 5.02
C THR B 69 9.05 -3.17 4.98
N VAL B 70 9.53 -2.81 3.78
CA VAL B 70 10.51 -1.73 3.68
C VAL B 70 9.92 -0.42 4.17
N LEU B 71 8.69 -0.09 3.73
CA LEU B 71 8.07 1.19 4.10
C LEU B 71 7.88 1.29 5.61
N ASP B 72 7.47 0.18 6.22
CA ASP B 72 7.36 0.10 7.68
C ASP B 72 8.71 0.40 8.33
N ALA B 73 9.78 -0.23 7.81
CA ALA B 73 11.09 -0.07 8.43
C ALA B 73 11.59 1.36 8.34
N ILE B 74 11.31 2.05 7.22
CA ILE B 74 11.82 3.41 7.03
C ILE B 74 10.80 4.47 7.48
N ASP B 75 9.69 4.05 8.12
CA ASP B 75 8.63 4.99 8.54
C ASP B 75 8.10 5.87 7.40
N GLN B 76 7.84 5.25 6.25
CA GLN B 76 7.30 5.94 5.08
C GLN B 76 6.09 5.19 4.53
N MET B 77 5.28 4.68 5.44
CA MET B 77 4.04 3.97 5.12
C MET B 77 3.03 4.87 4.42
N TRP B 78 3.18 6.19 4.54
CA TRP B 78 2.28 7.19 3.95
C TRP B 78 2.56 7.50 2.48
N LEU B 79 3.65 6.97 1.89
CA LEU B 79 3.99 7.29 0.51
C LEU B 79 2.95 6.73 -0.48
N PRO B 80 2.77 7.39 -1.62
CA PRO B 80 1.95 6.82 -2.69
C PRO B 80 2.61 5.57 -3.23
N VAL B 81 1.78 4.58 -3.51
CA VAL B 81 2.22 3.29 -4.03
C VAL B 81 1.42 3.02 -5.31
N VAL B 82 2.12 2.62 -6.38
CA VAL B 82 1.47 2.26 -7.63
C VAL B 82 1.81 0.80 -7.93
N ARG B 83 0.78 -0.01 -8.19
CA ARG B 83 0.95 -1.43 -8.54
C ARG B 83 0.66 -1.64 -10.03
N THR B 84 1.49 -2.47 -10.68
CA THR B 84 1.23 -2.77 -12.09
C THR B 84 1.61 -4.21 -12.43
N TRP B 85 0.74 -4.88 -13.20
CA TRP B 85 1.07 -6.20 -13.75
C TRP B 85 2.33 -6.17 -14.60
N ARG B 86 2.70 -5.00 -15.12
CA ARG B 86 3.88 -4.92 -15.98
C ARG B 86 5.19 -5.12 -15.22
N LEU B 87 5.17 -5.06 -13.89
CA LEU B 87 6.34 -5.39 -13.10
C LEU B 87 6.32 -6.83 -12.58
N ASN B 88 5.32 -7.62 -12.98
CA ASN B 88 5.21 -9.02 -12.54
C ASN B 88 6.46 -9.81 -12.91
N GLU B 89 6.70 -10.88 -12.15
CA GLU B 89 7.68 -11.90 -12.54
C GLU B 89 7.40 -12.41 -13.95
N ARG B 90 8.45 -12.93 -14.61
CA ARG B 90 8.28 -13.66 -15.85
C ARG B 90 7.21 -14.75 -15.73
N HIS B 91 6.36 -14.86 -16.76
CA HIS B 91 5.31 -15.87 -16.82
C HIS B 91 5.91 -17.18 -17.34
N TYR B 92 5.96 -18.23 -16.51
CA TYR B 92 6.64 -19.46 -16.91
C TYR B 92 5.71 -20.46 -17.62
N GLY B 93 4.53 -20.02 -18.05
CA GLY B 93 3.71 -20.85 -18.93
C GLY B 93 3.33 -22.16 -18.29
N GLY B 94 3.41 -23.23 -19.07
CA GLY B 94 3.05 -24.55 -18.56
C GLY B 94 3.96 -25.08 -17.49
N LEU B 95 5.15 -24.48 -17.31
CA LEU B 95 6.03 -24.90 -16.23
C LEU B 95 5.53 -24.43 -14.87
N THR B 96 4.59 -23.50 -14.87
CA THR B 96 4.09 -22.96 -13.61
C THR B 96 3.57 -24.08 -12.74
N GLY B 97 4.02 -24.13 -11.49
CA GLY B 97 3.56 -25.14 -10.56
C GLY B 97 4.37 -26.42 -10.56
N LEU B 98 5.17 -26.67 -11.60
CA LEU B 98 6.03 -27.84 -11.60
C LEU B 98 7.29 -27.59 -10.80
N ASN B 99 7.80 -28.65 -10.16
CA ASN B 99 9.07 -28.49 -9.49
C ASN B 99 10.20 -28.93 -10.42
N LYS B 100 11.43 -28.86 -9.90
CA LYS B 100 12.62 -29.18 -10.67
C LYS B 100 12.56 -30.58 -11.25
N ALA B 101 12.16 -31.55 -10.41
CA ALA B 101 12.13 -32.94 -10.85
C ALA B 101 11.07 -33.15 -11.91
N GLU B 102 9.86 -32.63 -11.69
CA GLU B 102 8.77 -32.81 -12.66
C GLU B 102 9.11 -32.17 -14.00
N THR B 103 9.83 -31.04 -13.96
CA THR B 103 10.25 -30.37 -15.19
C THR B 103 11.26 -31.19 -15.96
N ALA B 104 12.30 -31.67 -15.26
CA ALA B 104 13.29 -32.52 -15.94
C ALA B 104 12.65 -33.82 -16.44
N ALA B 105 11.76 -34.43 -15.64
CA ALA B 105 11.11 -35.67 -16.05
C ALA B 105 10.26 -35.48 -17.30
N LYS B 106 9.46 -34.41 -17.34
CA LYS B 106 8.57 -34.19 -18.47
C LYS B 106 9.32 -33.76 -19.72
N HIS B 107 10.33 -32.89 -19.58
CA HIS B 107 10.88 -32.25 -20.77
C HIS B 107 12.29 -32.70 -21.13
N GLY B 108 13.03 -33.32 -20.23
CA GLY B 108 14.39 -33.69 -20.59
C GLY B 108 15.38 -32.58 -20.34
N GLU B 109 16.62 -32.98 -20.04
CA GLU B 109 17.62 -31.98 -19.70
C GLU B 109 18.03 -31.15 -20.91
N ALA B 110 17.99 -31.72 -22.13
CA ALA B 110 18.35 -30.93 -23.31
C ALA B 110 17.39 -29.77 -23.53
N GLN B 111 16.08 -30.05 -23.51
CA GLN B 111 15.08 -29.00 -23.67
C GLN B 111 15.14 -28.02 -22.51
N VAL B 112 15.33 -28.50 -21.28
CA VAL B 112 15.40 -27.58 -20.15
C VAL B 112 16.61 -26.65 -20.29
N LYS B 113 17.74 -27.18 -20.78
CA LYS B 113 18.90 -26.31 -20.97
C LYS B 113 18.65 -25.28 -22.07
N ILE B 114 17.99 -25.69 -23.16
CA ILE B 114 17.59 -24.74 -24.20
C ILE B 114 16.81 -23.57 -23.58
N TRP B 115 15.76 -23.88 -22.80
CA TRP B 115 14.97 -22.81 -22.19
C TRP B 115 15.82 -21.98 -21.23
N ARG B 116 16.69 -22.62 -20.47
CA ARG B 116 17.48 -21.91 -19.47
C ARG B 116 18.39 -20.87 -20.12
N ARG B 117 19.06 -21.25 -21.21
CA ARG B 117 20.09 -20.41 -21.80
C ARG B 117 19.56 -19.42 -22.84
N SER B 118 18.28 -19.50 -23.21
CA SER B 118 17.77 -18.71 -24.32
C SER B 118 17.15 -17.40 -23.85
N TYR B 119 17.39 -16.35 -24.63
CA TYR B 119 16.78 -15.05 -24.37
C TYR B 119 15.34 -14.99 -24.88
N ASP B 120 15.02 -15.73 -25.95
CA ASP B 120 13.79 -15.48 -26.68
C ASP B 120 13.00 -16.74 -27.02
N VAL B 121 13.35 -17.90 -26.47
CA VAL B 121 12.53 -19.10 -26.59
C VAL B 121 11.66 -19.20 -25.34
N PRO B 122 10.34 -19.07 -25.46
CA PRO B 122 9.48 -19.20 -24.29
C PRO B 122 9.32 -20.64 -23.87
N PRO B 123 8.90 -20.88 -22.64
CA PRO B 123 8.48 -22.22 -22.24
C PRO B 123 7.12 -22.53 -22.84
N PRO B 124 6.60 -23.74 -22.68
CA PRO B 124 5.29 -24.07 -23.27
C PRO B 124 4.22 -23.16 -22.74
N PRO B 125 3.13 -22.97 -23.49
CA PRO B 125 2.05 -22.11 -23.00
C PRO B 125 1.24 -22.77 -21.89
N MET B 126 0.71 -21.93 -21.00
CA MET B 126 -0.29 -22.35 -20.01
C MET B 126 -1.63 -22.53 -20.70
N GLU B 127 -2.01 -23.80 -20.93
CA GLU B 127 -3.25 -24.17 -21.62
C GLU B 127 -4.43 -24.17 -20.67
N PRO B 128 -5.66 -24.15 -21.20
CA PRO B 128 -6.84 -24.13 -20.31
C PRO B 128 -6.96 -25.32 -19.38
N ASP B 129 -6.29 -26.44 -19.66
CA ASP B 129 -6.35 -27.56 -18.73
C ASP B 129 -5.22 -27.54 -17.70
N HIS B 130 -4.36 -26.53 -17.73
CA HIS B 130 -3.31 -26.43 -16.73
C HIS B 130 -3.92 -26.21 -15.35
N PRO B 131 -3.41 -26.87 -14.30
CA PRO B 131 -4.03 -26.72 -12.98
C PRO B 131 -4.10 -25.29 -12.46
N PHE B 132 -3.23 -24.37 -12.90
CA PHE B 132 -3.29 -22.99 -12.44
C PHE B 132 -3.83 -22.03 -13.50
N TYR B 133 -4.46 -22.57 -14.55
CA TYR B 133 -4.93 -21.71 -15.63
C TYR B 133 -5.98 -20.72 -15.15
N SER B 134 -7.00 -21.20 -14.44
CA SER B 134 -8.03 -20.25 -14.01
C SER B 134 -7.51 -19.38 -12.87
N ASN B 135 -6.74 -19.98 -11.95
CA ASN B 135 -6.12 -19.25 -10.86
C ASN B 135 -5.36 -18.02 -11.34
N ILE B 136 -4.69 -18.09 -12.49
CA ILE B 136 -3.89 -16.98 -13.00
C ILE B 136 -4.62 -16.23 -14.10
N SER B 137 -4.88 -16.93 -15.22
CA SER B 137 -5.43 -16.28 -16.40
C SER B 137 -6.84 -15.73 -16.19
N LYS B 138 -7.59 -16.25 -15.25
CA LYS B 138 -8.94 -15.77 -14.97
C LYS B 138 -9.02 -14.87 -13.73
N ASP B 139 -7.88 -14.56 -13.11
CA ASP B 139 -7.89 -13.68 -11.94
C ASP B 139 -8.36 -12.28 -12.35
N ARG B 140 -9.34 -11.74 -11.62
CA ARG B 140 -9.89 -10.45 -11.98
C ARG B 140 -8.87 -9.32 -11.95
N ARG B 141 -7.70 -9.52 -11.31
CA ARG B 141 -6.71 -8.45 -11.34
C ARG B 141 -6.18 -8.20 -12.74
N TYR B 142 -6.35 -9.14 -13.67
CA TYR B 142 -5.95 -8.93 -15.05
C TYR B 142 -7.14 -8.67 -15.97
N ALA B 143 -8.30 -8.31 -15.41
CA ALA B 143 -9.52 -8.14 -16.19
C ALA B 143 -9.42 -7.02 -17.22
N ASP B 144 -8.55 -6.04 -17.01
CA ASP B 144 -8.43 -4.91 -17.92
C ASP B 144 -7.35 -5.11 -18.97
N LEU B 145 -6.65 -6.24 -18.96
CA LEU B 145 -5.65 -6.53 -20.00
C LEU B 145 -6.34 -6.95 -21.28
N THR B 146 -5.80 -6.52 -22.41
CA THR B 146 -6.31 -7.01 -23.69
C THR B 146 -5.84 -8.45 -23.93
N GLU B 147 -6.44 -9.09 -24.94
CA GLU B 147 -6.06 -10.46 -25.29
C GLU B 147 -4.57 -10.57 -25.57
N ASP B 148 -4.01 -9.62 -26.33
CA ASP B 148 -2.59 -9.66 -26.65
C ASP B 148 -1.71 -9.33 -25.45
N GLN B 149 -2.28 -8.79 -24.38
CA GLN B 149 -1.45 -8.39 -23.24
C GLN B 149 -1.29 -9.51 -22.21
N LEU B 150 -2.32 -10.31 -22.01
CA LEU B 150 -2.29 -11.40 -21.04
C LEU B 150 -1.47 -12.55 -21.61
N PRO B 151 -0.28 -12.83 -21.08
CA PRO B 151 0.56 -13.88 -21.67
C PRO B 151 0.06 -15.27 -21.27
N SER B 152 0.28 -16.22 -22.17
CA SER B 152 0.22 -17.63 -21.81
C SER B 152 1.57 -18.18 -21.38
N CYS B 153 2.65 -17.45 -21.69
CA CYS B 153 4.04 -17.82 -21.42
C CYS B 153 4.89 -16.63 -21.86
N GLU B 154 6.12 -16.58 -21.35
CA GLU B 154 7.01 -15.48 -21.69
C GLU B 154 8.43 -15.99 -21.81
N SER B 155 9.12 -15.55 -22.86
CA SER B 155 10.57 -15.56 -22.80
C SER B 155 11.01 -14.36 -21.97
N LEU B 156 12.31 -14.31 -21.65
CA LEU B 156 12.81 -13.12 -20.98
C LEU B 156 12.61 -11.89 -21.86
N LYS B 157 12.80 -12.04 -23.17
CA LYS B 157 12.53 -10.95 -24.10
C LYS B 157 11.11 -10.43 -23.96
N ASP B 158 10.11 -11.32 -23.89
CA ASP B 158 8.72 -10.89 -23.69
C ASP B 158 8.56 -10.14 -22.37
N THR B 159 9.14 -10.68 -21.30
CA THR B 159 8.98 -10.05 -19.99
C THR B 159 9.52 -8.62 -20.02
N ILE B 160 10.74 -8.46 -20.52
CA ILE B 160 11.35 -7.15 -20.60
C ILE B 160 10.53 -6.24 -21.51
N ALA B 161 9.97 -6.80 -22.60
CA ALA B 161 9.21 -6.02 -23.57
C ALA B 161 7.93 -5.45 -22.97
N ARG B 162 7.31 -6.15 -22.00
CA ARG B 162 6.15 -5.53 -21.38
C ARG B 162 6.48 -4.79 -20.08
N ALA B 163 7.69 -4.94 -19.53
CA ALA B 163 8.06 -4.11 -18.39
C ALA B 163 8.48 -2.72 -18.85
N LEU B 164 9.25 -2.63 -19.93
CA LEU B 164 9.80 -1.34 -20.31
C LEU B 164 8.77 -0.27 -20.67
N PRO B 165 7.60 -0.58 -21.25
CA PRO B 165 6.61 0.49 -21.45
C PRO B 165 6.18 1.14 -20.16
N PHE B 166 6.09 0.38 -19.08
CA PHE B 166 5.76 0.99 -17.80
C PHE B 166 6.90 1.89 -17.32
N TRP B 167 8.13 1.42 -17.41
CA TRP B 167 9.28 2.26 -17.08
C TRP B 167 9.22 3.59 -17.84
N ASN B 168 9.09 3.52 -19.16
CA ASN B 168 9.18 4.71 -19.99
C ASN B 168 8.00 5.64 -19.75
N GLU B 169 6.79 5.09 -19.67
CA GLU B 169 5.59 5.90 -19.65
C GLU B 169 5.22 6.37 -18.25
N GLU B 170 5.51 5.60 -17.20
CA GLU B 170 5.08 5.97 -15.86
C GLU B 170 6.20 6.27 -14.90
N ILE B 171 7.38 5.64 -15.00
CA ILE B 171 8.39 5.87 -13.98
C ILE B 171 9.33 6.99 -14.38
N VAL B 172 9.84 6.94 -15.62
CA VAL B 172 10.75 7.99 -16.09
C VAL B 172 10.20 9.39 -15.84
N PRO B 173 8.94 9.71 -16.20
CA PRO B 173 8.41 11.06 -15.92
C PRO B 173 8.48 11.42 -14.45
N GLN B 174 8.18 10.47 -13.55
CA GLN B 174 8.28 10.78 -12.13
C GLN B 174 9.71 11.10 -11.73
N ILE B 175 10.69 10.34 -12.24
CA ILE B 175 12.08 10.60 -11.87
C ILE B 175 12.48 12.00 -12.34
N LYS B 176 12.09 12.36 -13.57
CA LYS B 176 12.47 13.66 -14.11
C LYS B 176 11.67 14.81 -13.49
N GLU B 177 10.55 14.47 -12.84
CA GLU B 177 9.80 15.38 -11.98
C GLU B 177 10.53 15.62 -10.67
N GLY B 178 11.63 14.91 -10.43
CA GLY B 178 12.38 14.99 -9.20
C GLY B 178 11.95 14.05 -8.07
N LYS B 179 10.98 13.17 -8.32
CA LYS B 179 10.53 12.23 -7.30
C LYS B 179 11.59 11.16 -7.04
N ARG B 180 11.82 10.88 -5.76
CA ARG B 180 12.73 9.78 -5.38
C ARG B 180 11.97 8.46 -5.42
N VAL B 181 12.32 7.59 -6.37
CA VAL B 181 11.56 6.39 -6.69
C VAL B 181 12.18 5.16 -6.00
N LEU B 182 11.31 4.33 -5.43
CA LEU B 182 11.65 2.99 -4.95
C LEU B 182 10.83 1.99 -5.76
N ILE B 183 11.48 1.00 -6.37
CA ILE B 183 10.79 -0.06 -7.11
C ILE B 183 11.02 -1.37 -6.37
N ALA B 184 9.92 -2.02 -5.96
CA ALA B 184 9.99 -3.35 -5.32
C ALA B 184 9.36 -4.34 -6.29
N ALA B 185 10.17 -5.23 -6.86
CA ALA B 185 9.61 -6.12 -7.86
C ALA B 185 10.38 -7.45 -7.91
N HIS B 186 10.52 -8.01 -9.11
CA HIS B 186 10.96 -9.39 -9.28
C HIS B 186 12.22 -9.45 -10.13
N GLY B 187 12.92 -10.58 -10.05
CA GLY B 187 14.21 -10.72 -10.74
C GLY B 187 14.16 -10.35 -12.22
N ASN B 188 13.18 -10.89 -12.95
CA ASN B 188 13.17 -10.68 -14.40
C ASN B 188 12.61 -9.32 -14.82
N SER B 189 11.63 -8.76 -14.11
CA SER B 189 11.19 -7.42 -14.47
C SER B 189 12.27 -6.38 -14.12
N LEU B 190 12.94 -6.56 -12.97
CA LEU B 190 14.05 -5.68 -12.65
C LEU B 190 15.19 -5.87 -13.64
N ARG B 191 15.41 -7.09 -14.14
CA ARG B 191 16.38 -7.28 -15.21
C ARG B 191 16.05 -6.38 -16.39
N GLY B 192 14.77 -6.31 -16.77
CA GLY B 192 14.40 -5.42 -17.86
C GLY B 192 14.82 -3.98 -17.61
N ILE B 193 14.58 -3.49 -16.38
CA ILE B 193 14.97 -2.11 -16.07
C ILE B 193 16.49 -1.95 -16.09
N VAL B 194 17.22 -2.91 -15.53
CA VAL B 194 18.67 -2.79 -15.45
C VAL B 194 19.28 -2.85 -16.85
N LYS B 195 18.75 -3.72 -17.70
CA LYS B 195 19.24 -3.82 -19.08
C LYS B 195 19.07 -2.48 -19.79
N HIS B 196 17.90 -1.85 -19.63
CA HIS B 196 17.70 -0.53 -20.24
C HIS B 196 18.65 0.51 -19.64
N LEU B 197 18.81 0.54 -18.32
CA LEU B 197 19.63 1.56 -17.68
C LEU B 197 21.09 1.47 -18.13
N GLU B 198 21.61 0.26 -18.24
CA GLU B 198 23.03 0.05 -18.48
C GLU B 198 23.35 -0.30 -19.93
N GLY B 199 22.35 -0.38 -20.81
CA GLY B 199 22.57 -0.79 -22.18
C GLY B 199 23.21 -2.16 -22.32
N LEU B 200 22.81 -3.11 -21.49
CA LEU B 200 23.43 -4.44 -21.48
C LEU B 200 22.96 -5.28 -22.66
N SER B 201 23.83 -6.23 -23.06
CA SER B 201 23.48 -7.18 -24.11
C SER B 201 22.55 -8.26 -23.55
N GLU B 202 21.98 -9.06 -24.46
CA GLU B 202 21.18 -10.20 -24.05
C GLU B 202 22.00 -11.17 -23.23
N GLU B 203 23.22 -11.45 -23.70
CA GLU B 203 24.13 -12.31 -22.95
C GLU B 203 24.37 -11.76 -21.54
N ALA B 204 24.72 -10.48 -21.44
CA ALA B 204 25.03 -9.90 -20.14
C ALA B 204 23.83 -9.91 -19.21
N ILE B 205 22.63 -9.61 -19.73
CA ILE B 205 21.48 -9.57 -18.84
C ILE B 205 21.12 -10.97 -18.37
N MET B 206 21.33 -12.00 -19.21
CA MET B 206 21.02 -13.35 -18.72
C MET B 206 22.02 -13.86 -17.68
N GLU B 207 23.24 -13.32 -17.63
CA GLU B 207 24.14 -13.70 -16.55
C GLU B 207 24.00 -12.82 -15.32
N LEU B 208 23.13 -11.82 -15.35
CA LEU B 208 22.93 -10.93 -14.21
C LEU B 208 21.94 -11.56 -13.23
N ASN B 209 22.38 -11.77 -11.99
CA ASN B 209 21.55 -12.33 -10.94
C ASN B 209 21.49 -11.30 -9.82
N LEU B 210 20.41 -10.51 -9.79
CA LEU B 210 20.30 -9.48 -8.76
C LEU B 210 20.13 -10.15 -7.40
N PRO B 211 20.82 -9.68 -6.37
CA PRO B 211 20.63 -10.25 -5.03
C PRO B 211 19.26 -9.90 -4.48
N THR B 212 18.76 -10.73 -3.59
CA THR B 212 17.43 -10.55 -3.05
C THR B 212 17.47 -9.80 -1.72
N GLY B 213 16.42 -9.02 -1.47
CA GLY B 213 16.26 -8.37 -0.20
C GLY B 213 17.26 -7.28 0.10
N ILE B 214 18.01 -6.84 -0.89
CA ILE B 214 19.13 -5.92 -0.70
C ILE B 214 18.84 -4.68 -1.53
N PRO B 215 18.86 -3.48 -0.94
CA PRO B 215 18.60 -2.27 -1.75
C PRO B 215 19.70 -2.09 -2.79
N ILE B 216 19.28 -1.85 -4.03
CA ILE B 216 20.16 -1.64 -5.17
C ILE B 216 20.03 -0.18 -5.56
N VAL B 217 21.13 0.58 -5.43
CA VAL B 217 21.14 2.03 -5.58
C VAL B 217 21.78 2.42 -6.90
N TYR B 218 21.08 3.23 -7.69
CA TYR B 218 21.60 3.84 -8.89
C TYR B 218 21.69 5.36 -8.71
N GLU B 219 22.83 5.93 -9.07
CA GLU B 219 22.99 7.38 -9.21
C GLU B 219 22.91 7.71 -10.68
N LEU B 220 21.97 8.55 -11.06
CA LEU B 220 21.61 8.81 -12.44
C LEU B 220 21.77 10.28 -12.78
N ASP B 221 22.29 10.56 -13.98
CA ASP B 221 22.33 11.93 -14.47
C ASP B 221 20.95 12.29 -15.02
N LYS B 222 20.80 13.52 -15.52
CA LYS B 222 19.47 14.00 -15.88
C LYS B 222 18.88 13.27 -17.07
N ASN B 223 19.69 12.54 -17.83
CA ASN B 223 19.16 11.69 -18.88
C ASN B 223 18.96 10.25 -18.41
N LEU B 224 19.10 9.99 -17.12
CA LEU B 224 18.88 8.68 -16.51
C LEU B 224 19.93 7.67 -16.94
N LYS B 225 21.14 8.16 -17.24
CA LYS B 225 22.31 7.32 -17.44
C LYS B 225 23.05 7.14 -16.12
N PRO B 226 23.32 5.91 -15.69
CA PRO B 226 24.10 5.73 -14.45
C PRO B 226 25.45 6.38 -14.59
N ILE B 227 25.90 7.01 -13.49
CA ILE B 227 27.22 7.62 -13.41
C ILE B 227 28.23 6.71 -12.74
N LYS B 228 27.78 5.57 -12.21
CA LYS B 228 28.72 4.63 -11.60
C LYS B 228 28.02 3.28 -11.50
N PRO B 229 28.74 2.19 -11.21
CA PRO B 229 28.06 0.90 -11.06
C PRO B 229 27.03 0.94 -9.95
N MET B 230 25.98 0.14 -10.13
CA MET B 230 24.99 -0.16 -9.10
C MET B 230 25.66 -0.52 -7.77
N GLN B 231 25.09 -0.02 -6.68
CA GLN B 231 25.63 -0.21 -5.34
C GLN B 231 24.61 -0.92 -4.47
N PHE B 232 25.10 -1.79 -3.60
CA PHE B 232 24.28 -2.57 -2.68
C PHE B 232 24.40 -1.96 -1.29
N LEU B 233 23.28 -1.76 -0.62
CA LEU B 233 23.27 -1.22 0.73
C LEU B 233 23.14 -2.33 1.76
N GLY B 234 23.87 -2.18 2.85
CA GLY B 234 23.80 -3.13 3.94
C GLY B 234 25.09 -3.11 4.74
N ASP B 235 25.15 -4.00 5.73
CA ASP B 235 26.38 -4.21 6.46
C ASP B 235 27.44 -4.85 5.55
N GLU B 236 28.68 -4.87 6.04
CA GLU B 236 29.81 -5.31 5.22
C GLU B 236 29.62 -6.75 4.73
N GLU B 237 29.20 -7.65 5.62
CA GLU B 237 29.05 -9.06 5.25
C GLU B 237 27.97 -9.24 4.20
N THR B 238 26.81 -8.65 4.42
CA THR B 238 25.69 -8.80 3.50
C THR B 238 26.04 -8.28 2.11
N VAL B 239 26.76 -7.16 2.05
CA VAL B 239 27.14 -6.56 0.77
C VAL B 239 28.11 -7.46 0.01
N ARG B 240 29.12 -7.99 0.72
CA ARG B 240 30.10 -8.88 0.07
C ARG B 240 29.40 -10.04 -0.62
N LYS B 241 28.63 -10.82 0.14
CA LYS B 241 27.78 -11.87 -0.43
C LYS B 241 26.78 -11.30 -1.43
CL CL C . -0.14 0.15 -0.21
O1 MES D . 15.44 -19.75 -12.52
C2 MES D . 14.53 -20.66 -11.89
C3 MES D . 13.25 -19.95 -11.47
N4 MES D . 13.64 -18.79 -10.67
C5 MES D . 14.54 -17.82 -11.29
C6 MES D . 15.78 -18.62 -11.72
C7 MES D . 12.64 -18.25 -9.75
C8 MES D . 11.39 -17.99 -10.60
S MES D . 10.04 -17.98 -9.62
O1S MES D . 10.35 -17.26 -8.36
O2S MES D . 9.69 -19.38 -9.31
O3S MES D . 8.92 -17.33 -10.34
C10 Q9L E . 18.35 -23.79 -13.43
C13 Q9L E . 19.40 -24.38 -12.53
C15 Q9L E . 16.25 -25.36 -11.03
C17 Q9L E . 14.23 -24.36 -10.21
C20 Q9L E . 13.53 -23.50 -9.18
C21 Q9L E . 12.23 -23.09 -9.40
C22 Q9L E . 11.62 -22.29 -8.46
C24 Q9L E . 13.58 -22.32 -7.08
N Q9L E . 17.57 -26.06 -14.06
C Q9L E . 14.22 -23.12 -8.03
O Q9L E . 16.92 -28.09 -12.73
C01 Q9L E . 14.07 -20.54 -17.09
C02 Q9L E . 13.35 -21.52 -17.76
C03 Q9L E . 13.60 -22.87 -17.55
C04 Q9L E . 14.60 -23.22 -16.68
C05 Q9L E . 15.33 -22.23 -16.02
C06 Q9L E . 15.07 -20.90 -16.21
C07 Q9L E . 16.41 -22.71 -15.08
C08 Q9L E . 17.25 -21.86 -14.38
C09 Q9L E . 18.22 -22.40 -13.55
C11 Q9L E . 17.50 -24.62 -14.15
C12 Q9L E . 16.53 -24.09 -14.97
C14 Q9L E . 15.54 -25.90 -12.09
C16 Q9L E . 15.60 -24.58 -10.09
C18 Q9L E . 13.51 -24.90 -11.26
C19 Q9L E . 14.17 -25.67 -12.20
C23 Q9L E . 12.28 -21.91 -7.30
CL Q9L E . 12.08 -21.07 -18.85
O01 Q9L E . 20.17 -23.61 -11.90
O02 Q9L E . 19.51 -25.63 -12.42
O03 Q9L E . 15.37 -27.44 -14.21
S Q9L E . 16.36 -26.91 -13.31
#